data_4LQB
#
_entry.id   4LQB
#
_cell.length_a   49.610
_cell.length_b   56.053
_cell.length_c   80.436
_cell.angle_alpha   90.000
_cell.angle_beta   90.000
_cell.angle_gamma   90.000
#
_symmetry.space_group_name_H-M   'P 21 21 21'
#
loop_
_entity.id
_entity.type
_entity.pdbx_description
1 polymer 'Uncharacterized protein'
2 non-polymer GLYCEROL
3 non-polymer 'CITRIC ACID'
4 water water
#
_entity_poly.entity_id   1
_entity_poly.type   'polypeptide(L)'
_entity_poly.pdbx_seq_one_letter_code
;SNA(MSE)HRSRVSTVLIDVPREQASRSAQFWAGALGVRADSPPGEPQYVTLHGALPGLVTAVQALEEGEARYHLDIETD
DVDAEVERLVGLGAVEESSWQGCRTLRVPGGQLVCVIPLHSDPDEFAARATSWP
;
_entity_poly.pdbx_strand_id   A,B
#
# COMPACT_ATOMS: atom_id res chain seq x y z
N SER A 1 20.82 21.79 -6.40
CA SER A 1 21.42 20.44 -6.62
C SER A 1 20.46 19.50 -7.34
N ASN A 2 19.35 19.15 -6.68
CA ASN A 2 18.43 18.13 -7.19
C ASN A 2 17.73 18.56 -8.49
N ALA A 3 17.96 17.79 -9.56
CA ALA A 3 17.38 18.08 -10.86
C ALA A 3 15.86 18.18 -10.77
N HIS A 5 12.32 17.33 -11.57
CA HIS A 5 11.73 16.12 -12.12
C HIS A 5 10.43 15.87 -11.38
N ARG A 6 9.74 14.77 -11.70
CA ARG A 6 8.41 14.54 -11.15
C ARG A 6 8.29 13.12 -10.63
N SER A 7 7.47 12.92 -9.60
CA SER A 7 7.22 11.57 -9.08
C SER A 7 5.88 11.43 -8.36
N ARG A 8 5.43 10.18 -8.25
CA ARG A 8 4.28 9.82 -7.41
C ARG A 8 4.32 8.33 -7.11
N VAL A 9 3.56 7.91 -6.11
CA VAL A 9 3.35 6.49 -5.87
C VAL A 9 2.42 5.95 -6.96
N SER A 10 2.88 4.93 -7.68
CA SER A 10 2.12 4.38 -8.80
C SER A 10 1.58 2.97 -8.55
N THR A 11 2.24 2.23 -7.65
CA THR A 11 2.05 0.79 -7.56
C THR A 11 2.09 0.31 -6.11
N VAL A 12 1.15 -0.56 -5.76
CA VAL A 12 1.14 -1.24 -4.48
C VAL A 12 1.46 -2.71 -4.73
N LEU A 13 2.50 -3.20 -4.06
CA LEU A 13 2.99 -4.57 -4.27
C LEU A 13 2.81 -5.44 -3.05
N ILE A 14 2.34 -6.66 -3.30
CA ILE A 14 2.16 -7.69 -2.28
C ILE A 14 3.26 -8.71 -2.55
N ASP A 15 4.32 -8.66 -1.74
CA ASP A 15 5.52 -9.45 -1.98
C ASP A 15 5.41 -10.75 -1.20
N VAL A 16 5.49 -11.87 -1.91
CA VAL A 16 5.36 -13.19 -1.28
C VAL A 16 6.42 -14.15 -1.79
N PRO A 17 6.95 -15.03 -0.91
CA PRO A 17 7.86 -16.07 -1.36
C PRO A 17 7.29 -16.79 -2.58
N ARG A 18 8.14 -17.05 -3.57
CA ARG A 18 7.68 -17.59 -4.86
C ARG A 18 6.73 -18.78 -4.72
N GLU A 19 7.02 -19.67 -3.75
CA GLU A 19 6.22 -20.88 -3.52
C GLU A 19 4.76 -20.60 -3.11
N GLN A 20 4.53 -19.44 -2.49
CA GLN A 20 3.19 -19.03 -2.06
C GLN A 20 2.51 -18.05 -3.00
N ALA A 21 3.18 -17.68 -4.09
CA ALA A 21 2.67 -16.63 -4.98
C ALA A 21 1.30 -16.93 -5.59
N SER A 22 1.10 -18.14 -6.10
CA SER A 22 -0.18 -18.49 -6.73
C SER A 22 -1.30 -18.54 -5.69
N ARG A 23 -1.00 -19.07 -4.51
CA ARG A 23 -1.96 -19.09 -3.40
C ARG A 23 -2.34 -17.66 -2.99
N SER A 24 -1.35 -16.77 -2.94
CA SER A 24 -1.59 -15.35 -2.63
C SER A 24 -2.48 -14.68 -3.68
N ALA A 25 -2.14 -14.84 -4.95
CA ALA A 25 -2.94 -14.26 -6.03
C ALA A 25 -4.37 -14.79 -5.99
N GLN A 26 -4.54 -16.09 -5.72
CA GLN A 26 -5.86 -16.68 -5.56
C GLN A 26 -6.65 -15.98 -4.46
N PHE A 27 -6.01 -15.75 -3.32
CA PHE A 27 -6.69 -15.07 -2.21
C PHE A 27 -7.10 -13.64 -2.57
N TRP A 28 -6.15 -12.87 -3.07
CA TRP A 28 -6.40 -11.46 -3.36
C TRP A 28 -7.43 -11.27 -4.48
N ALA A 29 -7.42 -12.13 -5.49
CA ALA A 29 -8.45 -12.12 -6.52
C ALA A 29 -9.86 -12.29 -5.91
N GLY A 30 -10.00 -13.27 -5.02
CA GLY A 30 -11.29 -13.50 -4.34
C GLY A 30 -11.62 -12.44 -3.31
N ALA A 31 -10.61 -11.96 -2.60
CA ALA A 31 -10.80 -10.95 -1.55
C ALA A 31 -11.23 -9.60 -2.12
N LEU A 32 -10.62 -9.22 -3.23
CA LEU A 32 -10.87 -7.91 -3.85
C LEU A 32 -11.90 -7.96 -4.97
N GLY A 33 -12.23 -9.16 -5.43
CA GLY A 33 -13.17 -9.33 -6.55
C GLY A 33 -12.57 -8.82 -7.84
N VAL A 34 -11.36 -9.27 -8.14
CA VAL A 34 -10.64 -8.80 -9.31
C VAL A 34 -10.03 -9.93 -10.14
N ARG A 35 -9.77 -9.59 -11.40
CA ARG A 35 -9.10 -10.45 -12.34
C ARG A 35 -7.60 -10.39 -12.06
N ALA A 36 -6.93 -11.54 -12.23
CA ALA A 36 -5.53 -11.67 -11.91
C ALA A 36 -4.81 -12.41 -13.03
N ASP A 37 -3.72 -11.82 -13.53
CA ASP A 37 -2.88 -12.45 -14.54
C ASP A 37 -1.53 -11.75 -14.61
N SER A 38 -0.56 -12.40 -15.24
CA SER A 38 0.80 -11.87 -15.37
C SER A 38 0.99 -11.16 -16.70
N PRO A 39 1.64 -9.99 -16.68
CA PRO A 39 2.01 -9.32 -17.94
C PRO A 39 3.11 -10.05 -18.70
N PRO A 40 3.13 -9.89 -20.04
CA PRO A 40 4.28 -10.35 -20.82
C PRO A 40 5.58 -9.73 -20.33
N GLY A 41 6.63 -10.56 -20.22
CA GLY A 41 7.94 -10.11 -19.76
C GLY A 41 8.05 -9.93 -18.25
N GLU A 42 6.96 -10.17 -17.53
CA GLU A 42 6.88 -9.94 -16.09
C GLU A 42 6.22 -11.12 -15.36
N PRO A 43 6.72 -12.35 -15.57
CA PRO A 43 6.13 -13.54 -14.95
C PRO A 43 6.16 -13.56 -13.41
N GLN A 44 7.07 -12.78 -12.82
CA GLN A 44 7.17 -12.65 -11.37
C GLN A 44 6.05 -11.78 -10.77
N TYR A 45 5.26 -11.13 -11.62
CA TYR A 45 4.15 -10.30 -11.19
C TYR A 45 2.81 -10.91 -11.60
N VAL A 46 1.83 -10.79 -10.71
CA VAL A 46 0.44 -11.09 -11.06
C VAL A 46 -0.35 -9.83 -10.77
N THR A 47 -0.79 -9.17 -11.84
CA THR A 47 -1.57 -7.95 -11.75
C THR A 47 -2.95 -8.23 -11.19
N LEU A 48 -3.36 -7.43 -10.21
CA LEU A 48 -4.71 -7.49 -9.65
C LEU A 48 -5.49 -6.33 -10.27
N HIS A 49 -6.16 -6.61 -11.38
CA HIS A 49 -6.70 -5.55 -12.23
C HIS A 49 -7.78 -4.71 -11.54
N GLY A 50 -7.59 -3.39 -11.57
CA GLY A 50 -8.57 -2.46 -11.01
C GLY A 50 -8.80 -2.54 -9.51
N ALA A 51 -7.83 -3.08 -8.76
CA ALA A 51 -7.98 -3.28 -7.31
C ALA A 51 -8.11 -1.97 -6.55
N LEU A 52 -7.31 -0.97 -6.95
CA LEU A 52 -7.23 0.32 -6.28
C LEU A 52 -7.35 1.45 -7.29
N PRO A 53 -8.05 2.54 -6.91
CA PRO A 53 -8.19 3.66 -7.84
C PRO A 53 -6.86 4.35 -8.13
N GLY A 54 -6.63 4.67 -9.40
CA GLY A 54 -5.47 5.45 -9.83
C GLY A 54 -4.10 4.83 -9.58
N LEU A 55 -4.07 3.52 -9.32
CA LEU A 55 -2.85 2.79 -8.99
C LEU A 55 -2.85 1.44 -9.69
N VAL A 56 -1.65 0.85 -9.82
CA VAL A 56 -1.52 -0.56 -10.21
C VAL A 56 -1.25 -1.37 -8.94
N THR A 57 -1.87 -2.53 -8.85
CA THR A 57 -1.70 -3.42 -7.69
C THR A 57 -1.30 -4.80 -8.21
N ALA A 58 -0.31 -5.42 -7.58
CA ALA A 58 0.17 -6.73 -8.01
C ALA A 58 0.79 -7.55 -6.90
N VAL A 59 0.74 -8.88 -7.08
CA VAL A 59 1.48 -9.81 -6.26
C VAL A 59 2.83 -10.00 -6.94
N GLN A 60 3.91 -9.88 -6.18
CA GLN A 60 5.25 -10.10 -6.74
C GLN A 60 5.91 -11.26 -6.03
N ALA A 61 6.38 -12.22 -6.81
CA ALA A 61 7.05 -13.41 -6.28
C ALA A 61 8.46 -13.05 -5.84
N LEU A 62 8.79 -13.39 -4.60
CA LEU A 62 10.13 -13.18 -4.06
C LEU A 62 10.97 -14.44 -4.25
N GLU A 63 12.20 -14.25 -4.74
CA GLU A 63 13.16 -15.36 -4.83
C GLU A 63 13.80 -15.68 -3.49
N GLU A 64 13.81 -14.69 -2.59
CA GLU A 64 14.28 -14.87 -1.22
C GLU A 64 13.64 -13.85 -0.29
N GLY A 65 13.59 -14.17 1.00
CA GLY A 65 13.10 -13.23 2.00
C GLY A 65 11.64 -13.43 2.35
N GLU A 66 11.19 -12.68 3.35
CA GLU A 66 9.86 -12.87 3.93
C GLU A 66 8.82 -11.98 3.27
N ALA A 67 7.56 -12.34 3.47
CA ALA A 67 6.45 -11.60 2.89
C ALA A 67 6.36 -10.19 3.46
N ARG A 68 5.94 -9.27 2.61
CA ARG A 68 5.75 -7.88 2.99
C ARG A 68 4.87 -7.20 1.93
N TYR A 69 4.57 -5.93 2.16
CA TYR A 69 4.10 -5.04 1.11
C TYR A 69 5.23 -4.05 0.80
N HIS A 70 5.15 -3.42 -0.36
CA HIS A 70 5.93 -2.21 -0.61
C HIS A 70 5.25 -1.32 -1.64
N LEU A 71 5.72 -0.07 -1.73
CA LEU A 71 5.22 0.90 -2.71
C LEU A 71 6.31 1.18 -3.73
N ASP A 72 5.90 1.39 -4.98
CA ASP A 72 6.78 1.92 -6.02
C ASP A 72 6.48 3.39 -6.25
N ILE A 73 7.53 4.20 -6.23
CA ILE A 73 7.47 5.59 -6.63
C ILE A 73 7.96 5.66 -8.08
N GLU A 74 7.03 6.00 -8.96
CA GLU A 74 7.27 6.18 -10.38
C GLU A 74 7.82 7.57 -10.62
N THR A 75 8.87 7.67 -11.45
CA THR A 75 9.49 8.94 -11.73
C THR A 75 10.09 9.01 -13.13
N ASP A 76 10.20 10.24 -13.66
CA ASP A 76 10.86 10.48 -14.94
C ASP A 76 12.37 10.68 -14.80
N ASP A 77 12.88 10.64 -13.57
CA ASP A 77 14.33 10.68 -13.33
C ASP A 77 14.66 9.85 -12.08
N VAL A 78 14.99 8.58 -12.30
CA VAL A 78 15.24 7.65 -11.21
C VAL A 78 16.40 8.11 -10.33
N ASP A 79 17.54 8.45 -10.92
CA ASP A 79 18.71 8.88 -10.14
C ASP A 79 18.38 10.11 -9.30
N ALA A 80 17.71 11.11 -9.91
CA ALA A 80 17.37 12.33 -9.19
C ALA A 80 16.38 12.06 -8.06
N GLU A 81 15.42 11.17 -8.30
CA GLU A 81 14.43 10.83 -7.27
C GLU A 81 15.04 10.02 -6.12
N VAL A 82 15.91 9.07 -6.42
CA VAL A 82 16.62 8.39 -5.33
C VAL A 82 17.40 9.42 -4.50
N GLU A 83 18.10 10.33 -5.17
CA GLU A 83 18.86 11.39 -4.48
C GLU A 83 17.97 12.22 -3.56
N ARG A 84 16.80 12.60 -4.06
CA ARG A 84 15.87 13.41 -3.29
C ARG A 84 15.38 12.67 -2.04
N LEU A 85 15.04 11.39 -2.20
CA LEU A 85 14.53 10.59 -1.08
C LEU A 85 15.62 10.28 -0.04
N VAL A 86 16.84 10.08 -0.50
CA VAL A 86 17.98 9.92 0.40
C VAL A 86 18.21 11.22 1.18
N GLY A 87 18.05 12.36 0.52
CA GLY A 87 18.09 13.65 1.18
C GLY A 87 17.09 13.80 2.31
N LEU A 88 15.96 13.11 2.20
CA LEU A 88 14.92 13.10 3.21
C LEU A 88 15.15 12.04 4.30
N GLY A 89 16.24 11.29 4.20
CA GLY A 89 16.60 10.33 5.23
C GLY A 89 16.46 8.87 4.83
N ALA A 90 16.00 8.60 3.62
CA ALA A 90 15.96 7.22 3.13
C ALA A 90 17.38 6.74 2.86
N VAL A 91 17.56 5.43 2.84
CA VAL A 91 18.85 4.81 2.60
C VAL A 91 18.73 3.81 1.47
N GLU A 92 19.61 3.89 0.46
CA GLU A 92 19.57 2.92 -0.62
C GLU A 92 20.16 1.59 -0.19
N GLU A 93 19.40 0.53 -0.45
CA GLU A 93 19.79 -0.83 -0.14
C GLU A 93 20.22 -1.53 -1.42
N SER A 94 20.56 -2.80 -1.34
CA SER A 94 20.83 -3.60 -2.54
C SER A 94 19.64 -3.57 -3.51
N SER A 95 19.95 -3.74 -4.80
CA SER A 95 18.92 -3.98 -5.80
C SER A 95 18.04 -5.10 -5.28
N TRP A 96 16.73 -4.92 -5.42
CA TRP A 96 15.76 -5.85 -4.86
C TRP A 96 14.65 -6.01 -5.88
N GLN A 97 14.57 -7.23 -6.43
CA GLN A 97 13.64 -7.58 -7.50
C GLN A 97 13.82 -6.70 -8.73
N GLY A 98 15.08 -6.45 -9.07
CA GLY A 98 15.43 -5.60 -10.22
C GLY A 98 15.01 -4.15 -10.09
N CYS A 99 14.79 -3.67 -8.86
CA CYS A 99 14.44 -2.27 -8.64
C CYS A 99 15.41 -1.59 -7.69
N ARG A 100 15.67 -0.31 -7.94
CA ARG A 100 16.36 0.56 -6.98
C ARG A 100 15.48 0.59 -5.74
N THR A 101 16.05 0.25 -4.59
CA THR A 101 15.27 0.01 -3.38
C THR A 101 15.83 0.81 -2.20
N LEU A 102 14.94 1.48 -1.47
CA LEU A 102 15.32 2.30 -0.33
C LEU A 102 14.60 1.83 0.94
N ARG A 103 15.29 1.86 2.08
CA ARG A 103 14.63 1.75 3.37
C ARG A 103 14.37 3.16 3.87
N VAL A 104 13.11 3.46 4.16
CA VAL A 104 12.71 4.81 4.57
C VAL A 104 12.74 4.95 6.08
N PRO A 105 12.82 6.18 6.61
CA PRO A 105 12.71 6.38 8.05
C PRO A 105 11.41 5.75 8.57
N GLY A 106 11.54 4.88 9.58
CA GLY A 106 10.43 4.07 10.07
C GLY A 106 10.61 2.60 9.75
N GLY A 107 11.30 2.28 8.65
CA GLY A 107 11.72 0.90 8.37
C GLY A 107 11.16 0.25 7.12
N GLN A 108 10.14 0.85 6.51
CA GLN A 108 9.51 0.29 5.31
C GLN A 108 10.42 0.39 4.09
N LEU A 109 10.15 -0.46 3.10
CA LEU A 109 10.85 -0.39 1.81
C LEU A 109 9.99 0.33 0.77
N VAL A 110 10.66 1.09 -0.09
CA VAL A 110 10.05 1.64 -1.29
C VAL A 110 10.99 1.37 -2.44
N CYS A 111 10.44 1.24 -3.64
CA CYS A 111 11.25 1.13 -4.84
C CYS A 111 11.02 2.37 -5.69
N VAL A 112 12.08 2.80 -6.37
CA VAL A 112 11.98 3.93 -7.30
C VAL A 112 12.11 3.36 -8.71
N ILE A 113 11.10 3.60 -9.53
CA ILE A 113 11.01 2.95 -10.84
C ILE A 113 10.78 4.00 -11.93
N PRO A 114 11.14 3.65 -13.18
CA PRO A 114 10.89 4.59 -14.27
C PRO A 114 9.43 4.63 -14.73
N LEU A 115 9.15 5.53 -15.66
CA LEU A 115 7.80 5.76 -16.15
C LEU A 115 7.19 4.51 -16.79
N HIS A 116 5.92 4.29 -16.48
CA HIS A 116 5.16 3.16 -17.02
C HIS A 116 3.68 3.51 -17.16
N SER A 117 3.40 4.79 -17.42
CA SER A 117 2.04 5.33 -17.44
C SER A 117 1.83 6.20 -18.68
N ASP A 118 0.56 6.41 -19.03
CA ASP A 118 0.21 7.42 -20.03
C ASP A 118 0.77 8.76 -19.57
N PRO A 119 1.53 9.45 -20.44
CA PRO A 119 2.06 10.77 -20.09
C PRO A 119 1.03 11.72 -19.49
N ASP A 120 -0.17 11.76 -20.06
CA ASP A 120 -1.23 12.65 -19.56
C ASP A 120 -1.69 12.26 -18.15
N GLU A 121 -1.74 10.96 -17.86
CA GLU A 121 -2.08 10.51 -16.52
C GLU A 121 -0.97 10.88 -15.54
N PHE A 122 0.27 10.56 -15.90
CA PHE A 122 1.40 10.90 -15.04
C PHE A 122 1.48 12.41 -14.76
N ALA A 123 1.24 13.24 -15.77
CA ALA A 123 1.28 14.70 -15.58
C ALA A 123 0.15 15.18 -14.66
N ALA A 124 -1.00 14.51 -14.69
CA ALA A 124 -2.12 14.87 -13.84
C ALA A 124 -1.95 14.48 -12.37
N ARG A 125 -1.13 13.46 -12.09
N ARG A 125 -1.13 13.46 -12.09
CA ARG A 125 -1.00 12.91 -10.74
CA ARG A 125 -1.00 12.91 -10.74
C ARG A 125 0.39 13.09 -10.11
C ARG A 125 0.38 13.08 -10.11
N ALA A 126 1.42 13.27 -10.91
CA ALA A 126 2.78 13.38 -10.38
C ALA A 126 3.00 14.74 -9.70
N THR A 127 3.81 14.73 -8.66
CA THR A 127 4.27 15.94 -8.00
C THR A 127 5.55 16.42 -8.67
N SER A 128 5.60 17.72 -8.96
CA SER A 128 6.79 18.36 -9.53
C SER A 128 7.76 18.80 -8.43
N TRP A 129 9.02 18.43 -8.60
CA TRP A 129 10.08 18.82 -7.67
C TRP A 129 11.02 19.82 -8.34
N PRO A 130 11.48 20.85 -7.60
CA PRO A 130 11.19 21.15 -6.20
C PRO A 130 9.79 21.72 -5.98
N ALA B 3 -24.60 -10.76 2.50
CA ALA B 3 -25.76 -10.20 3.27
C ALA B 3 -27.02 -9.81 2.47
N HIS B 5 -23.61 -7.64 1.33
CA HIS B 5 -22.77 -6.56 1.85
C HIS B 5 -21.70 -6.20 0.82
N ARG B 6 -21.04 -5.07 1.02
CA ARG B 6 -20.07 -4.56 0.07
C ARG B 6 -18.73 -4.30 0.76
N SER B 7 -17.64 -4.38 0.00
CA SER B 7 -16.33 -4.00 0.53
C SER B 7 -15.36 -3.50 -0.54
N ARG B 8 -14.34 -2.78 -0.08
CA ARG B 8 -13.24 -2.29 -0.93
C ARG B 8 -12.01 -2.07 -0.05
N VAL B 9 -10.82 -2.03 -0.64
CA VAL B 9 -9.67 -1.51 0.10
C VAL B 9 -9.82 0.02 0.12
N SER B 10 -9.88 0.60 1.32
CA SER B 10 -10.02 2.07 1.46
C SER B 10 -8.76 2.79 1.93
N THR B 11 -7.86 2.06 2.59
CA THR B 11 -6.81 2.71 3.37
C THR B 11 -5.48 1.98 3.28
N VAL B 12 -4.42 2.73 3.07
CA VAL B 12 -3.05 2.22 3.09
C VAL B 12 -2.38 2.76 4.35
N LEU B 13 -1.90 1.85 5.19
CA LEU B 13 -1.27 2.22 6.45
C LEU B 13 0.22 1.93 6.47
N ILE B 14 0.96 2.90 7.01
CA ILE B 14 2.38 2.80 7.23
C ILE B 14 2.54 2.64 8.75
N ASP B 15 2.77 1.41 9.19
CA ASP B 15 2.80 1.11 10.62
C ASP B 15 4.22 1.18 11.14
N VAL B 16 4.45 2.04 12.13
CA VAL B 16 5.78 2.26 12.67
C VAL B 16 5.78 2.28 14.18
N PRO B 17 6.84 1.74 14.80
CA PRO B 17 7.01 1.90 16.24
C PRO B 17 6.82 3.36 16.67
N ARG B 18 6.06 3.57 17.73
CA ARG B 18 5.67 4.91 18.18
C ARG B 18 6.84 5.89 18.24
N GLU B 19 8.01 5.42 18.67
CA GLU B 19 9.19 6.29 18.80
C GLU B 19 9.69 6.81 17.43
N GLN B 20 9.37 6.08 16.35
CA GLN B 20 9.75 6.46 14.98
C GLN B 20 8.62 7.17 14.21
N ALA B 21 7.45 7.31 14.82
CA ALA B 21 6.27 7.83 14.12
C ALA B 21 6.43 9.25 13.58
N SER B 22 7.06 10.14 14.36
CA SER B 22 7.25 11.53 13.91
C SER B 22 8.17 11.60 12.69
N ARG B 23 9.31 10.91 12.76
CA ARG B 23 10.25 10.85 11.66
C ARG B 23 9.65 10.23 10.40
N SER B 24 8.81 9.21 10.57
CA SER B 24 8.10 8.60 9.46
C SER B 24 7.17 9.61 8.78
N ALA B 25 6.34 10.27 9.57
CA ALA B 25 5.41 11.25 9.02
C ALA B 25 6.14 12.36 8.29
N GLN B 26 7.22 12.86 8.88
CA GLN B 26 8.08 13.88 8.26
C GLN B 26 8.58 13.42 6.90
N PHE B 27 9.07 12.19 6.86
CA PHE B 27 9.62 11.66 5.61
C PHE B 27 8.53 11.58 4.54
N TRP B 28 7.43 10.93 4.87
CA TRP B 28 6.37 10.70 3.88
C TRP B 28 5.72 12.01 3.42
N ALA B 29 5.55 12.98 4.32
CA ALA B 29 5.07 14.30 3.91
C ALA B 29 6.00 14.90 2.85
N GLY B 30 7.30 14.82 3.09
CA GLY B 30 8.28 15.34 2.14
C GLY B 30 8.40 14.50 0.88
N ALA B 31 8.33 13.17 1.04
CA ALA B 31 8.49 12.25 -0.09
C ALA B 31 7.32 12.34 -1.05
N LEU B 32 6.11 12.52 -0.54
CA LEU B 32 4.90 12.54 -1.36
C LEU B 32 4.40 13.96 -1.67
N GLY B 33 4.90 14.94 -0.93
CA GLY B 33 4.49 16.33 -1.12
C GLY B 33 3.08 16.55 -0.63
N VAL B 34 2.82 16.14 0.61
CA VAL B 34 1.49 16.20 1.19
C VAL B 34 1.53 16.81 2.58
N ARG B 35 0.37 17.34 2.99
CA ARG B 35 0.18 17.79 4.37
C ARG B 35 -0.08 16.57 5.24
N ALA B 36 0.43 16.60 6.46
CA ALA B 36 0.34 15.47 7.37
C ALA B 36 -0.12 15.94 8.74
N ASP B 37 -1.20 15.36 9.24
CA ASP B 37 -1.71 15.71 10.56
C ASP B 37 -2.67 14.64 11.07
N SER B 38 -2.92 14.63 12.38
CA SER B 38 -3.74 13.60 13.00
C SER B 38 -5.20 14.01 12.99
N PRO B 39 -6.09 13.06 12.66
CA PRO B 39 -7.52 13.35 12.80
C PRO B 39 -7.93 13.55 14.25
N PRO B 40 -8.87 14.47 14.51
CA PRO B 40 -9.44 14.51 15.85
C PRO B 40 -9.89 13.13 16.30
N GLY B 41 -9.62 12.77 17.55
CA GLY B 41 -10.03 11.47 18.11
C GLY B 41 -9.17 10.28 17.69
N GLU B 42 -8.16 10.52 16.85
CA GLU B 42 -7.33 9.44 16.32
C GLU B 42 -5.85 9.84 16.35
N PRO B 43 -5.33 10.12 17.55
CA PRO B 43 -3.95 10.59 17.69
C PRO B 43 -2.90 9.56 17.26
N GLN B 44 -3.29 8.29 17.19
CA GLN B 44 -2.39 7.22 16.73
C GLN B 44 -2.13 7.22 15.22
N TYR B 45 -2.86 8.06 14.48
CA TYR B 45 -2.67 8.19 13.04
C TYR B 45 -2.20 9.59 12.65
N VAL B 46 -1.33 9.65 11.66
CA VAL B 46 -1.03 10.90 10.98
C VAL B 46 -1.42 10.71 9.52
N THR B 47 -2.48 11.40 9.11
CA THR B 47 -3.00 11.30 7.75
C THR B 47 -2.09 12.02 6.78
N LEU B 48 -1.83 11.37 5.65
CA LEU B 48 -1.04 11.93 4.56
C LEU B 48 -2.06 12.33 3.48
N HIS B 49 -2.49 13.59 3.55
CA HIS B 49 -3.67 14.06 2.82
C HIS B 49 -3.49 14.01 1.30
N GLY B 50 -4.36 13.26 0.64
CA GLY B 50 -4.35 13.16 -0.82
C GLY B 50 -3.19 12.38 -1.41
N ALA B 51 -2.47 11.62 -0.58
CA ALA B 51 -1.30 10.88 -1.07
C ALA B 51 -1.67 9.95 -2.22
N LEU B 52 -2.80 9.27 -2.05
CA LEU B 52 -3.33 8.33 -3.03
C LEU B 52 -4.81 8.65 -3.23
N PRO B 53 -5.11 9.51 -4.21
CA PRO B 53 -6.50 9.94 -4.38
C PRO B 53 -7.49 8.77 -4.56
N GLY B 54 -8.61 8.84 -3.85
CA GLY B 54 -9.59 7.77 -3.83
C GLY B 54 -9.40 6.83 -2.65
N LEU B 55 -8.28 7.01 -1.95
CA LEU B 55 -7.96 6.23 -0.75
C LEU B 55 -7.54 7.18 0.37
N VAL B 56 -7.45 6.64 1.59
CA VAL B 56 -6.82 7.36 2.69
C VAL B 56 -5.48 6.68 2.94
N THR B 57 -4.46 7.48 3.24
CA THR B 57 -3.13 6.98 3.55
C THR B 57 -2.70 7.59 4.87
N ALA B 58 -2.14 6.79 5.78
CA ALA B 58 -1.75 7.33 7.08
C ALA B 58 -0.59 6.55 7.69
N VAL B 59 0.20 7.25 8.50
CA VAL B 59 1.18 6.62 9.36
C VAL B 59 0.49 6.25 10.66
N GLN B 60 0.59 4.98 11.06
CA GLN B 60 0.04 4.54 12.35
C GLN B 60 1.15 4.23 13.34
N ALA B 61 1.07 4.85 14.51
CA ALA B 61 2.04 4.65 15.58
C ALA B 61 1.67 3.36 16.32
N LEU B 62 2.61 2.41 16.35
CA LEU B 62 2.39 1.11 16.98
C LEU B 62 2.84 1.12 18.43
N GLU B 63 2.01 0.57 19.32
CA GLU B 63 2.40 0.40 20.72
C GLU B 63 3.44 -0.72 20.87
N GLU B 64 3.40 -1.67 19.94
CA GLU B 64 4.43 -2.71 19.88
C GLU B 64 4.50 -3.34 18.51
N GLY B 65 5.60 -4.04 18.24
CA GLY B 65 5.77 -4.76 16.99
C GLY B 65 6.68 -4.01 16.04
N GLU B 66 7.02 -4.67 14.93
CA GLU B 66 7.95 -4.11 13.95
C GLU B 66 7.21 -3.35 12.86
N ALA B 67 7.95 -2.52 12.13
CA ALA B 67 7.40 -1.75 11.02
C ALA B 67 6.84 -2.67 9.94
N ARG B 68 5.73 -2.25 9.34
CA ARG B 68 5.12 -2.95 8.23
C ARG B 68 4.21 -1.97 7.51
N TYR B 69 3.66 -2.38 6.38
CA TYR B 69 2.46 -1.74 5.86
C TYR B 69 1.28 -2.68 6.12
N HIS B 70 0.08 -2.14 6.06
CA HIS B 70 -1.12 -2.97 5.93
C HIS B 70 -2.21 -2.23 5.18
N LEU B 71 -3.22 -2.98 4.74
CA LEU B 71 -4.38 -2.41 4.07
C LEU B 71 -5.62 -2.59 4.92
N ASP B 72 -6.49 -1.58 4.92
CA ASP B 72 -7.83 -1.73 5.51
C ASP B 72 -8.85 -2.02 4.42
N ILE B 73 -9.65 -3.05 4.66
CA ILE B 73 -10.82 -3.34 3.86
C ILE B 73 -12.04 -2.73 4.55
N GLU B 74 -12.62 -1.73 3.89
CA GLU B 74 -13.80 -1.01 4.37
C GLU B 74 -15.07 -1.74 3.95
N THR B 75 -16.01 -1.87 4.87
CA THR B 75 -17.23 -2.62 4.61
C THR B 75 -18.42 -2.12 5.42
N ASP B 76 -19.62 -2.37 4.90
CA ASP B 76 -20.84 -2.05 5.64
C ASP B 76 -21.31 -3.22 6.53
N ASP B 77 -20.57 -4.32 6.53
CA ASP B 77 -20.82 -5.42 7.48
C ASP B 77 -19.51 -6.10 7.87
N VAL B 78 -18.90 -5.60 8.94
CA VAL B 78 -17.58 -6.08 9.37
C VAL B 78 -17.58 -7.58 9.68
N ASP B 79 -18.55 -8.04 10.45
CA ASP B 79 -18.62 -9.46 10.82
C ASP B 79 -18.75 -10.36 9.58
N ALA B 80 -19.62 -9.99 8.65
CA ALA B 80 -19.81 -10.79 7.43
C ALA B 80 -18.55 -10.81 6.56
N GLU B 81 -17.87 -9.66 6.47
CA GLU B 81 -16.67 -9.55 5.64
C GLU B 81 -15.50 -10.35 6.22
N VAL B 82 -15.34 -10.32 7.54
CA VAL B 82 -14.35 -11.16 8.20
C VAL B 82 -14.65 -12.62 7.89
N GLU B 83 -15.92 -13.03 8.04
CA GLU B 83 -16.31 -14.41 7.76
C GLU B 83 -15.98 -14.79 6.32
N ARG B 84 -16.29 -13.89 5.38
CA ARG B 84 -16.00 -14.13 3.96
C ARG B 84 -14.50 -14.30 3.69
N LEU B 85 -13.68 -13.43 4.28
CA LEU B 85 -12.24 -13.49 4.06
C LEU B 85 -11.62 -14.69 4.74
N VAL B 86 -12.15 -15.07 5.90
CA VAL B 86 -11.72 -16.30 6.57
C VAL B 86 -12.03 -17.51 5.68
N GLY B 87 -13.19 -17.50 5.03
CA GLY B 87 -13.55 -18.56 4.09
C GLY B 87 -12.58 -18.72 2.93
N LEU B 88 -11.93 -17.61 2.54
CA LEU B 88 -10.91 -17.61 1.50
C LEU B 88 -9.50 -17.97 2.02
N GLY B 89 -9.36 -18.26 3.31
CA GLY B 89 -8.08 -18.70 3.87
C GLY B 89 -7.40 -17.76 4.85
N ALA B 90 -7.95 -16.56 5.04
CA ALA B 90 -7.41 -15.63 6.04
C ALA B 90 -7.70 -16.15 7.44
N VAL B 91 -6.83 -15.79 8.39
CA VAL B 91 -6.96 -16.21 9.77
C VAL B 91 -7.03 -14.98 10.66
N GLU B 92 -8.07 -14.88 11.48
CA GLU B 92 -8.22 -13.72 12.37
C GLU B 92 -7.21 -13.81 13.51
N GLU B 93 -6.52 -12.69 13.75
CA GLU B 93 -5.59 -12.57 14.86
C GLU B 93 -6.29 -11.77 15.96
N SER B 94 -5.62 -11.58 17.09
CA SER B 94 -6.16 -10.79 18.18
C SER B 94 -6.36 -9.36 17.71
N SER B 95 -7.35 -8.68 18.29
CA SER B 95 -7.59 -7.27 18.00
C SER B 95 -6.25 -6.54 17.99
N TRP B 96 -5.99 -5.81 16.91
CA TRP B 96 -4.70 -5.18 16.71
C TRP B 96 -4.93 -3.69 16.44
N GLN B 97 -4.41 -2.85 17.34
CA GLN B 97 -4.59 -1.40 17.26
C GLN B 97 -6.07 -1.01 17.14
N GLY B 98 -6.93 -1.72 17.88
CA GLY B 98 -8.37 -1.46 17.87
C GLY B 98 -9.12 -1.84 16.61
N CYS B 99 -8.52 -2.70 15.78
CA CYS B 99 -9.14 -3.15 14.52
C CYS B 99 -9.24 -4.67 14.42
N ARG B 100 -10.29 -5.14 13.76
CA ARG B 100 -10.38 -6.54 13.36
C ARG B 100 -9.26 -6.78 12.37
N THR B 101 -8.39 -7.75 12.68
CA THR B 101 -7.14 -7.95 11.96
C THR B 101 -6.99 -9.40 11.50
N LEU B 102 -6.71 -9.59 10.21
CA LEU B 102 -6.55 -10.92 9.62
C LEU B 102 -5.15 -11.09 9.02
N ARG B 103 -4.62 -12.30 9.14
CA ARG B 103 -3.40 -12.71 8.46
C ARG B 103 -3.83 -13.44 7.19
N VAL B 104 -3.47 -12.91 6.03
CA VAL B 104 -3.92 -13.50 4.77
C VAL B 104 -2.95 -14.57 4.28
N PRO B 105 -3.41 -15.45 3.37
CA PRO B 105 -2.47 -16.39 2.73
C PRO B 105 -1.33 -15.64 2.07
N GLY B 106 -0.10 -15.97 2.46
CA GLY B 106 1.08 -15.22 2.05
C GLY B 106 1.75 -14.53 3.21
N GLY B 107 0.97 -14.15 4.23
CA GLY B 107 1.52 -13.65 5.49
C GLY B 107 1.24 -12.19 5.82
N GLN B 108 0.71 -11.44 4.87
CA GLN B 108 0.43 -10.02 5.09
C GLN B 108 -0.76 -9.85 6.02
N LEU B 109 -0.84 -8.68 6.63
CA LEU B 109 -1.99 -8.33 7.46
C LEU B 109 -2.96 -7.44 6.70
N VAL B 110 -4.24 -7.64 6.99
CA VAL B 110 -5.29 -6.71 6.59
C VAL B 110 -6.17 -6.46 7.78
N CYS B 111 -6.79 -5.29 7.81
CA CYS B 111 -7.80 -5.00 8.81
C CYS B 111 -9.14 -4.84 8.12
N VAL B 112 -10.21 -5.23 8.80
CA VAL B 112 -11.57 -5.03 8.28
C VAL B 112 -12.22 -3.97 9.15
N ILE B 113 -12.65 -2.88 8.53
CA ILE B 113 -13.13 -1.70 9.23
C ILE B 113 -14.50 -1.26 8.71
N PRO B 114 -15.26 -0.51 9.51
CA PRO B 114 -16.57 -0.03 9.06
C PRO B 114 -16.49 1.17 8.10
N LEU B 115 -17.65 1.56 7.55
CA LEU B 115 -17.71 2.66 6.58
C LEU B 115 -17.15 3.97 7.13
N HIS B 116 -16.42 4.70 6.28
CA HIS B 116 -15.85 6.00 6.65
C HIS B 116 -15.61 6.92 5.44
N SER B 117 -16.31 6.67 4.34
CA SER B 117 -16.04 7.34 3.06
C SER B 117 -17.27 8.03 2.52
N ASP B 118 -17.08 9.02 1.63
CA ASP B 118 -18.19 9.56 0.84
C ASP B 118 -18.95 8.38 0.24
N PRO B 119 -20.25 8.22 0.55
CA PRO B 119 -21.05 7.10 0.03
C PRO B 119 -20.89 6.84 -1.48
N ASP B 120 -20.85 7.91 -2.27
CA ASP B 120 -20.69 7.80 -3.72
C ASP B 120 -19.32 7.24 -4.11
N GLU B 121 -18.29 7.58 -3.33
CA GLU B 121 -16.95 7.06 -3.57
C GLU B 121 -16.92 5.58 -3.23
N PHE B 122 -17.44 5.23 -2.05
CA PHE B 122 -17.56 3.83 -1.64
C PHE B 122 -18.25 3.00 -2.72
N ALA B 123 -19.39 3.48 -3.22
CA ALA B 123 -20.19 2.71 -4.20
C ALA B 123 -19.45 2.53 -5.52
N ALA B 124 -18.70 3.56 -5.92
CA ALA B 124 -17.95 3.53 -7.16
C ALA B 124 -16.79 2.53 -7.11
N ARG B 125 -16.27 2.28 -5.91
CA ARG B 125 -15.10 1.43 -5.73
C ARG B 125 -15.38 0.05 -5.12
N ALA B 126 -16.55 -0.12 -4.52
CA ALA B 126 -16.83 -1.35 -3.75
C ALA B 126 -17.38 -2.48 -4.61
N THR B 127 -17.24 -3.70 -4.11
CA THR B 127 -17.79 -4.90 -4.72
C THR B 127 -18.87 -5.45 -3.80
N SER B 128 -19.97 -5.91 -4.39
CA SER B 128 -21.04 -6.56 -3.62
C SER B 128 -20.80 -8.05 -3.47
N TRP B 129 -21.10 -8.58 -2.29
CA TRP B 129 -20.89 -10.00 -1.98
C TRP B 129 -22.20 -10.65 -1.54
N PRO B 130 -22.53 -11.82 -2.15
CA PRO B 130 -23.68 -12.61 -1.70
C PRO B 130 -23.61 -12.99 -0.22
#